data_9GOI
#
_entry.id   9GOI
#
_cell.length_a   60.455
_cell.length_b   86.776
_cell.length_c   131.327
_cell.angle_alpha   90
_cell.angle_beta   90
_cell.angle_gamma   90
#
_symmetry.space_group_name_H-M   'C 2 2 21'
#
loop_
_entity.id
_entity.type
_entity.pdbx_description
1 polymer 'Alkaline serine protease'
2 non-polymer N-[(1R)-1-(DIHYDROXYBORYL)-3-METHYLBUTYL]-N-(PYRAZIN-2-YLCARBONYL)-L-PHENYLALANINAMIDE
3 non-polymer GLYCEROL
4 non-polymer 'SULFATE ION'
5 non-polymer 'CALCIUM ION'
6 water water
#
_entity_poly.entity_id   1
_entity_poly.type   'polypeptide(L)'
_entity_poly.pdbx_seq_one_letter_code
;LAPNDPYYQEYQWHLHNATGGINAPSAWDVSQGEGVVVAVLDTGILPQHPDLVGNLLEGYDFISDASTSRRATNDRVPGA
QDYGDWVENDNECYTGSVAEDSSWHGTHVAGTVAEQTNNGVGMAGVAHKAKVLPVRVLGKCGGYLSDIADAITWASGGTV
AGVPANANPAEVINMSLGGSGSCDGTYQDAINGAISRGTTVVVAAGNETDNASKYRPASCDGVVTVGATRITGGITYYSN
YGSRVDLSGPGGGGSVDGNPGGYVWQSGSDAATTPESGSYSYMGMGGTSMASPHVAAVAALVQSALIASGKDPLAPAAMR
TLLKETARPFPVSIPTATPIGTGIVDAKAALAEALE
;
_entity_poly.pdbx_strand_id   A
#
loop_
_chem_comp.id
_chem_comp.type
_chem_comp.name
_chem_comp.formula
BO2 non-polymer N-[(1R)-1-(DIHYDROXYBORYL)-3-METHYLBUTYL]-N-(PYRAZIN-2-YLCARBONYL)-L-PHENYLALANINAMIDE 'C19 H25 B N4 O4'
CA non-polymer 'CALCIUM ION' 'Ca 2'
GOL non-polymer GLYCEROL 'C3 H8 O3'
SO4 non-polymer 'SULFATE ION' 'O4 S -2'
#
# COMPACT_ATOMS: atom_id res chain seq x y z
N LEU A 1 -8.10 -21.19 -2.14
CA LEU A 1 -7.56 -21.12 -3.52
C LEU A 1 -6.04 -21.18 -3.48
N ALA A 2 -5.45 -22.09 -4.25
CA ALA A 2 -4.02 -22.12 -4.48
C ALA A 2 -3.78 -21.71 -5.92
N PRO A 3 -3.49 -20.41 -6.21
CA PRO A 3 -3.42 -19.93 -7.58
C PRO A 3 -2.18 -20.50 -8.28
N ASN A 4 -2.15 -20.42 -9.60
CA ASN A 4 -1.13 -21.11 -10.40
C ASN A 4 0.01 -20.18 -10.82
N ASP A 5 0.11 -18.99 -10.23
CA ASP A 5 1.17 -18.08 -10.60
C ASP A 5 2.52 -18.74 -10.31
N PRO A 6 3.44 -18.83 -11.30
CA PRO A 6 4.67 -19.61 -11.14
C PRO A 6 5.54 -19.30 -9.91
N TYR A 7 5.62 -18.04 -9.48
CA TYR A 7 6.51 -17.65 -8.39
C TYR A 7 5.82 -17.55 -7.04
N TYR A 8 4.50 -17.79 -7.01
CA TYR A 8 3.68 -17.60 -5.82
C TYR A 8 4.15 -18.51 -4.67
N GLN A 9 4.28 -19.81 -4.95
CA GLN A 9 4.54 -20.76 -3.89
C GLN A 9 5.90 -20.50 -3.23
N GLU A 10 6.93 -20.27 -4.04
CA GLU A 10 8.27 -20.15 -3.49
C GLU A 10 8.48 -18.79 -2.83
N TYR A 11 7.87 -17.73 -3.37
CA TYR A 11 8.29 -16.39 -2.99
C TYR A 11 7.31 -15.73 -2.02
N GLN A 12 6.00 -16.02 -2.13
CA GLN A 12 5.01 -15.14 -1.48
C GLN A 12 4.51 -15.64 -0.14
N TRP A 13 5.48 -15.81 0.77
CA TRP A 13 5.22 -16.20 2.16
C TRP A 13 4.22 -15.25 2.79
N HIS A 14 4.28 -13.99 2.36
CA HIS A 14 3.49 -12.94 2.95
C HIS A 14 2.00 -13.19 2.70
N LEU A 15 1.67 -13.97 1.66
CA LEU A 15 0.30 -14.35 1.37
C LEU A 15 -0.13 -15.64 2.06
N HIS A 16 0.76 -16.64 2.12
CA HIS A 16 0.36 -18.01 2.43
C HIS A 16 1.15 -18.67 3.56
N ASN A 17 2.17 -18.03 4.17
CA ASN A 17 2.91 -18.65 5.26
C ASN A 17 2.02 -18.71 6.50
N ALA A 18 2.10 -19.82 7.26
CA ALA A 18 1.20 -20.04 8.38
C ALA A 18 1.49 -19.15 9.59
N THR A 19 2.73 -18.67 9.75
CA THR A 19 3.08 -17.80 10.87
C THR A 19 3.12 -16.33 10.44
N GLY A 20 3.57 -16.06 9.23
CA GLY A 20 3.83 -14.68 8.83
C GLY A 20 2.90 -14.16 7.73
N GLY A 21 2.05 -15.02 7.13
CA GLY A 21 1.18 -14.61 6.04
C GLY A 21 -0.19 -14.15 6.54
N ILE A 22 -1.01 -13.63 5.60
CA ILE A 22 -2.27 -12.96 5.94
C ILE A 22 -3.46 -13.90 5.68
N ASN A 23 -3.23 -15.20 5.54
CA ASN A 23 -4.30 -16.17 5.36
C ASN A 23 -5.03 -15.90 4.04
N ALA A 24 -4.29 -15.56 2.97
CA ALA A 24 -4.92 -15.20 1.71
C ALA A 24 -5.62 -16.40 1.05
N PRO A 25 -5.03 -17.62 1.01
CA PRO A 25 -5.68 -18.74 0.30
C PRO A 25 -7.13 -19.00 0.70
N SER A 26 -7.39 -18.98 2.02
CA SER A 26 -8.72 -19.14 2.56
C SER A 26 -9.62 -17.94 2.24
N ALA A 27 -9.10 -16.72 2.42
CA ALA A 27 -9.85 -15.52 2.07
C ALA A 27 -10.35 -15.56 0.62
N TRP A 28 -9.49 -16.01 -0.30
CA TRP A 28 -9.76 -16.02 -1.73
C TRP A 28 -10.89 -16.97 -2.13
N ASP A 29 -11.22 -17.94 -1.27
CA ASP A 29 -12.40 -18.78 -1.45
C ASP A 29 -13.68 -17.98 -1.27
N VAL A 30 -13.60 -16.84 -0.58
CA VAL A 30 -14.76 -16.02 -0.25
C VAL A 30 -14.81 -14.75 -1.08
N SER A 31 -13.67 -14.05 -1.24
CA SER A 31 -13.66 -12.77 -1.95
C SER A 31 -12.30 -12.54 -2.59
N GLN A 32 -12.32 -11.90 -3.77
CA GLN A 32 -11.11 -11.43 -4.45
C GLN A 32 -11.16 -9.92 -4.66
N GLY A 33 -12.17 -9.22 -4.10
CA GLY A 33 -12.22 -7.76 -4.13
C GLY A 33 -12.96 -7.15 -5.33
N GLU A 34 -13.63 -7.99 -6.11
CA GLU A 34 -14.32 -7.54 -7.31
C GLU A 34 -15.26 -6.39 -6.96
N GLY A 35 -15.19 -5.34 -7.78
CA GLY A 35 -16.16 -4.25 -7.72
C GLY A 35 -15.69 -3.14 -6.79
N VAL A 36 -14.48 -3.28 -6.24
CA VAL A 36 -13.92 -2.27 -5.37
C VAL A 36 -12.75 -1.59 -6.05
N VAL A 37 -12.51 -0.32 -5.68
CA VAL A 37 -11.41 0.47 -6.18
C VAL A 37 -10.54 0.89 -5.01
N VAL A 38 -9.23 0.59 -5.11
CA VAL A 38 -8.23 0.98 -4.13
C VAL A 38 -7.30 2.00 -4.77
N ALA A 39 -7.19 3.18 -4.14
CA ALA A 39 -6.34 4.22 -4.68
C ALA A 39 -4.96 4.09 -4.04
N VAL A 40 -3.94 3.97 -4.90
CA VAL A 40 -2.58 3.81 -4.46
C VAL A 40 -1.87 5.14 -4.72
N LEU A 41 -1.63 5.86 -3.63
CA LEU A 41 -0.97 7.15 -3.68
C LEU A 41 0.51 6.91 -3.46
N ASP A 42 1.33 7.12 -4.52
CA ASP A 42 2.67 6.56 -4.54
C ASP A 42 3.46 7.15 -5.71
N THR A 43 4.48 6.42 -6.17
CA THR A 43 5.42 6.93 -7.17
C THR A 43 4.83 6.86 -8.57
N GLY A 44 3.60 6.37 -8.70
CA GLY A 44 3.00 6.09 -9.99
C GLY A 44 3.07 4.60 -10.31
N ILE A 45 2.95 4.26 -11.61
CA ILE A 45 2.79 2.88 -12.00
C ILE A 45 3.39 2.63 -13.37
N LEU A 46 3.75 1.36 -13.63
CA LEU A 46 4.06 0.91 -14.97
C LEU A 46 2.81 0.25 -15.52
N PRO A 47 1.93 1.02 -16.22
CA PRO A 47 0.59 0.54 -16.58
C PRO A 47 0.47 -0.65 -17.53
N GLN A 48 1.55 -0.96 -18.25
CA GLN A 48 1.52 -2.11 -19.15
C GLN A 48 2.31 -3.30 -18.59
N HIS A 49 2.59 -3.31 -17.29
CA HIS A 49 3.18 -4.50 -16.71
C HIS A 49 2.22 -5.65 -17.02
N PRO A 50 2.73 -6.73 -17.63
CA PRO A 50 1.88 -7.84 -18.07
C PRO A 50 1.15 -8.54 -16.92
N ASP A 51 1.62 -8.34 -15.68
CA ASP A 51 0.93 -8.98 -14.56
C ASP A 51 -0.01 -8.00 -13.84
N LEU A 52 -0.16 -6.77 -14.35
CA LEU A 52 -1.08 -5.77 -13.82
C LEU A 52 -2.20 -5.41 -14.80
N VAL A 53 -1.89 -5.36 -16.10
CA VAL A 53 -2.86 -5.06 -17.13
C VAL A 53 -4.16 -5.79 -16.88
N GLY A 54 -5.26 -5.03 -16.93
CA GLY A 54 -6.57 -5.61 -16.66
C GLY A 54 -7.10 -5.18 -15.28
N ASN A 55 -6.20 -4.81 -14.32
CA ASN A 55 -6.64 -4.43 -12.98
C ASN A 55 -6.37 -2.96 -12.67
N LEU A 56 -6.06 -2.14 -13.68
CA LEU A 56 -5.67 -0.77 -13.39
C LEU A 56 -6.66 0.19 -14.06
N LEU A 57 -6.89 1.31 -13.39
CA LEU A 57 -7.59 2.46 -13.95
C LEU A 57 -6.53 3.49 -14.35
N GLU A 58 -6.94 4.44 -15.20
CA GLU A 58 -5.98 5.39 -15.74
C GLU A 58 -5.33 6.19 -14.61
N GLY A 59 -6.12 6.65 -13.64
CA GLY A 59 -5.57 7.45 -12.56
C GLY A 59 -5.03 8.81 -13.04
N TYR A 60 -4.16 9.40 -12.23
CA TYR A 60 -3.81 10.79 -12.41
C TYR A 60 -2.47 11.08 -11.76
N ASP A 61 -1.79 12.13 -12.25
CA ASP A 61 -0.52 12.54 -11.72
C ASP A 61 -0.67 13.93 -11.12
N PHE A 62 -0.49 14.00 -9.79
CA PHE A 62 -0.75 15.19 -8.99
C PHE A 62 0.53 15.95 -8.69
N ILE A 63 1.68 15.50 -9.20
CA ILE A 63 2.94 16.18 -8.93
C ILE A 63 2.94 17.48 -9.73
N SER A 64 3.08 18.62 -9.03
CA SER A 64 2.95 19.91 -9.70
C SER A 64 4.31 20.59 -9.72
N ASP A 65 5.33 19.82 -10.15
CA ASP A 65 6.69 20.25 -10.24
C ASP A 65 7.44 19.36 -11.26
N ALA A 66 7.82 19.96 -12.40
CA ALA A 66 8.42 19.25 -13.51
C ALA A 66 9.66 18.48 -13.05
N SER A 67 10.48 19.08 -12.20
CA SER A 67 11.71 18.44 -11.81
C SER A 67 11.43 17.17 -11.00
N THR A 68 10.35 17.16 -10.22
CA THR A 68 9.97 16.02 -9.39
C THR A 68 9.29 14.96 -10.25
N SER A 69 8.32 15.34 -11.08
CA SER A 69 7.57 14.43 -11.92
C SER A 69 8.40 13.91 -13.11
N ARG A 70 9.49 14.60 -13.46
CA ARG A 70 10.25 14.35 -14.68
C ARG A 70 9.41 14.53 -15.94
N ARG A 71 8.30 15.26 -15.82
CA ARG A 71 7.47 15.61 -16.97
C ARG A 71 7.92 16.99 -17.48
N ALA A 72 7.31 17.45 -18.57
CA ALA A 72 7.78 18.65 -19.24
C ALA A 72 7.23 19.91 -18.55
N THR A 73 6.12 19.80 -17.80
CA THR A 73 5.52 20.96 -17.14
C THR A 73 5.18 20.65 -15.68
N ASN A 74 4.79 21.71 -14.98
CA ASN A 74 4.37 21.63 -13.59
C ASN A 74 2.90 21.29 -13.53
N ASP A 75 2.28 21.02 -14.68
CA ASP A 75 0.87 20.67 -14.68
C ASP A 75 0.72 19.29 -14.01
N ARG A 76 -0.48 19.09 -13.47
CA ARG A 76 -1.04 17.80 -13.18
C ARG A 76 -1.71 17.28 -14.44
N VAL A 77 -1.55 15.97 -14.71
CA VAL A 77 -2.08 15.38 -15.93
C VAL A 77 -2.74 14.04 -15.66
N PRO A 78 -3.67 13.61 -16.54
CA PRO A 78 -4.23 12.26 -16.50
C PRO A 78 -3.12 11.21 -16.58
N GLY A 79 -3.41 10.06 -15.99
CA GLY A 79 -2.49 8.93 -16.00
C GLY A 79 -1.49 9.06 -14.86
N ALA A 80 -0.80 7.95 -14.58
CA ALA A 80 0.05 7.83 -13.42
C ALA A 80 1.35 7.11 -13.79
N GLN A 81 1.72 7.14 -15.08
CA GLN A 81 3.02 6.63 -15.50
C GLN A 81 4.10 7.07 -14.54
N ASP A 82 4.87 6.11 -14.02
CA ASP A 82 6.06 6.38 -13.24
C ASP A 82 7.20 6.64 -14.22
N TYR A 83 7.80 7.84 -14.12
CA TYR A 83 8.87 8.26 -15.02
C TYR A 83 10.22 7.88 -14.43
N GLY A 84 10.21 7.30 -13.21
CA GLY A 84 11.43 6.96 -12.51
C GLY A 84 11.80 8.04 -11.49
N ASP A 85 12.02 7.62 -10.23
CA ASP A 85 12.37 8.54 -9.17
C ASP A 85 13.86 8.48 -8.82
N TRP A 86 14.72 7.93 -9.71
CA TRP A 86 16.15 7.84 -9.44
C TRP A 86 16.75 9.22 -9.17
N VAL A 87 17.85 9.20 -8.43
CA VAL A 87 18.63 10.39 -8.11
C VAL A 87 20.09 9.99 -8.36
N GLU A 88 20.79 10.74 -9.23
N GLU A 88 20.78 10.75 -9.23
CA GLU A 88 22.10 10.32 -9.71
CA GLU A 88 22.09 10.38 -9.72
C GLU A 88 23.19 10.61 -8.69
C GLU A 88 23.17 10.58 -8.67
N ASN A 89 23.04 11.67 -7.90
CA ASN A 89 24.12 12.10 -7.01
C ASN A 89 23.72 12.07 -5.54
N ASP A 90 24.69 11.70 -4.70
CA ASP A 90 24.66 11.97 -3.27
C ASP A 90 24.31 13.43 -3.00
N ASN A 91 23.43 13.63 -2.01
CA ASN A 91 23.17 14.92 -1.36
C ASN A 91 22.23 15.79 -2.18
N GLU A 92 21.69 15.28 -3.29
CA GLU A 92 20.83 16.09 -4.13
C GLU A 92 19.50 16.38 -3.43
N CYS A 93 19.02 15.44 -2.61
CA CYS A 93 17.69 15.55 -2.02
C CYS A 93 17.72 16.34 -0.70
N TYR A 94 18.59 15.90 0.20
CA TYR A 94 18.86 16.58 1.44
C TYR A 94 20.35 16.37 1.68
N THR A 95 20.97 17.22 2.50
CA THR A 95 22.35 16.99 2.90
C THR A 95 22.41 15.65 3.61
N GLY A 96 23.20 14.71 3.06
CA GLY A 96 23.31 13.37 3.61
C GLY A 96 22.80 12.27 2.68
N SER A 97 21.86 12.61 1.77
CA SER A 97 21.21 11.61 0.94
C SER A 97 22.22 10.90 0.03
N VAL A 98 21.88 9.68 -0.40
CA VAL A 98 22.77 8.93 -1.27
C VAL A 98 22.01 8.60 -2.56
N ALA A 99 22.77 8.53 -3.66
CA ALA A 99 22.23 8.23 -4.98
C ALA A 99 21.49 6.89 -4.94
N GLU A 100 20.33 6.83 -5.60
CA GLU A 100 19.53 5.62 -5.66
C GLU A 100 18.99 5.44 -7.07
N ASP A 101 18.85 4.18 -7.46
CA ASP A 101 18.12 3.80 -8.65
C ASP A 101 16.62 4.02 -8.47
N SER A 102 15.92 4.06 -9.59
CA SER A 102 14.48 4.18 -9.59
C SER A 102 13.85 3.07 -8.76
N SER A 103 12.84 3.40 -7.93
CA SER A 103 12.26 2.42 -7.02
C SER A 103 11.23 1.52 -7.70
N TRP A 104 10.43 2.10 -8.60
CA TRP A 104 9.17 1.53 -9.08
C TRP A 104 8.29 1.10 -7.91
N HIS A 105 8.35 1.85 -6.82
CA HIS A 105 7.73 1.49 -5.56
C HIS A 105 6.21 1.35 -5.72
N GLY A 106 5.61 2.30 -6.47
CA GLY A 106 4.17 2.32 -6.68
C GLY A 106 3.64 1.10 -7.42
N THR A 107 4.47 0.53 -8.33
CA THR A 107 4.10 -0.68 -9.08
C THR A 107 4.12 -1.91 -8.17
N HIS A 108 5.09 -1.98 -7.24
CA HIS A 108 5.20 -3.04 -6.25
C HIS A 108 3.99 -3.04 -5.31
N VAL A 109 3.72 -1.87 -4.74
CA VAL A 109 2.60 -1.65 -3.82
C VAL A 109 1.28 -1.99 -4.53
N ALA A 110 1.11 -1.49 -5.75
CA ALA A 110 -0.06 -1.81 -6.56
C ALA A 110 -0.18 -3.32 -6.81
N GLY A 111 0.94 -4.02 -7.02
CA GLY A 111 0.95 -5.47 -7.08
C GLY A 111 0.42 -6.15 -5.81
N THR A 112 0.87 -5.75 -4.63
CA THR A 112 0.32 -6.32 -3.40
C THR A 112 -1.20 -6.17 -3.43
N VAL A 113 -1.68 -5.00 -3.87
CA VAL A 113 -3.12 -4.73 -3.83
C VAL A 113 -3.86 -5.59 -4.85
N ALA A 114 -3.44 -5.62 -6.13
CA ALA A 114 -4.28 -6.24 -7.16
C ALA A 114 -3.50 -6.90 -8.30
N GLU A 115 -2.31 -7.47 -8.05
CA GLU A 115 -1.62 -8.19 -9.10
C GLU A 115 -2.54 -9.29 -9.64
N GLN A 116 -2.58 -9.42 -10.97
CA GLN A 116 -3.36 -10.48 -11.60
C GLN A 116 -2.90 -11.83 -11.05
N THR A 117 -3.89 -12.64 -10.67
CA THR A 117 -3.65 -13.88 -9.93
C THR A 117 -4.32 -15.05 -10.65
N ASN A 118 -3.68 -16.22 -10.55
CA ASN A 118 -4.19 -17.43 -11.18
C ASN A 118 -4.23 -17.24 -12.69
N ASN A 119 -3.28 -16.47 -13.23
CA ASN A 119 -3.19 -16.19 -14.65
C ASN A 119 -1.93 -16.84 -15.24
N GLY A 120 -1.29 -17.72 -14.47
CA GLY A 120 -0.12 -18.43 -14.95
C GLY A 120 1.04 -17.50 -15.32
N VAL A 121 1.14 -16.34 -14.65
CA VAL A 121 2.18 -15.37 -14.90
C VAL A 121 2.67 -14.78 -13.58
N GLY A 122 3.97 -14.80 -13.36
CA GLY A 122 4.60 -14.05 -12.29
C GLY A 122 4.06 -14.39 -10.90
N MET A 123 3.54 -13.35 -10.21
CA MET A 123 3.19 -13.41 -8.79
C MET A 123 1.68 -13.24 -8.62
N ALA A 124 1.21 -13.40 -7.37
CA ALA A 124 -0.19 -13.15 -7.01
C ALA A 124 -0.34 -11.79 -6.32
N GLY A 125 -1.59 -11.34 -6.21
CA GLY A 125 -1.97 -10.20 -5.41
C GLY A 125 -3.18 -10.52 -4.51
N VAL A 126 -3.43 -9.65 -3.53
CA VAL A 126 -4.45 -9.89 -2.52
C VAL A 126 -5.86 -9.65 -3.05
N ALA A 127 -6.19 -8.41 -3.42
CA ALA A 127 -7.51 -8.09 -3.96
C ALA A 127 -7.45 -8.08 -5.49
N HIS A 128 -7.23 -9.28 -6.05
CA HIS A 128 -6.81 -9.44 -7.43
C HIS A 128 -7.99 -9.40 -8.41
N LYS A 129 -9.21 -9.08 -7.94
CA LYS A 129 -10.27 -8.70 -8.88
C LYS A 129 -10.74 -7.26 -8.65
N ALA A 130 -10.12 -6.57 -7.69
CA ALA A 130 -10.34 -5.16 -7.51
C ALA A 130 -9.63 -4.41 -8.63
N LYS A 131 -9.84 -3.09 -8.67
CA LYS A 131 -9.08 -2.22 -9.56
C LYS A 131 -8.24 -1.30 -8.68
N VAL A 132 -6.99 -1.07 -9.12
CA VAL A 132 -6.15 -0.02 -8.55
C VAL A 132 -6.37 1.27 -9.33
N LEU A 133 -6.61 2.36 -8.59
CA LEU A 133 -6.60 3.73 -9.09
C LEU A 133 -5.24 4.29 -8.73
N PRO A 134 -4.27 4.33 -9.66
CA PRO A 134 -2.96 4.87 -9.34
C PRO A 134 -3.04 6.39 -9.34
N VAL A 135 -2.48 6.98 -8.28
CA VAL A 135 -2.44 8.42 -8.13
C VAL A 135 -1.02 8.80 -7.77
N ARG A 136 -0.31 9.41 -8.74
CA ARG A 136 1.10 9.64 -8.63
C ARG A 136 1.34 10.94 -7.86
N VAL A 137 2.05 10.84 -6.74
CA VAL A 137 2.28 11.98 -5.87
C VAL A 137 3.75 12.06 -5.49
N LEU A 138 4.55 11.01 -5.79
CA LEU A 138 5.95 10.99 -5.43
C LEU A 138 6.77 10.87 -6.72
N GLY A 139 7.88 11.62 -6.76
CA GLY A 139 8.85 11.51 -7.83
C GLY A 139 10.27 11.64 -7.32
N LYS A 140 11.07 12.43 -8.04
CA LYS A 140 12.47 12.61 -7.69
C LYS A 140 12.56 13.32 -6.35
N CYS A 141 13.22 12.66 -5.38
CA CYS A 141 13.38 13.14 -4.02
C CYS A 141 12.06 13.23 -3.27
N GLY A 142 10.98 12.58 -3.74
CA GLY A 142 9.74 12.53 -2.99
C GLY A 142 8.66 13.42 -3.60
N GLY A 143 7.94 14.17 -2.76
CA GLY A 143 6.80 14.95 -3.21
C GLY A 143 6.45 16.10 -2.27
N TYR A 144 5.27 16.68 -2.50
CA TYR A 144 4.82 17.86 -1.79
C TYR A 144 3.50 17.53 -1.09
N LEU A 145 3.36 18.04 0.15
CA LEU A 145 2.22 17.76 1.00
C LEU A 145 0.93 18.21 0.33
N SER A 146 0.95 19.36 -0.37
CA SER A 146 -0.23 19.89 -1.01
C SER A 146 -0.72 18.97 -2.12
N ASP A 147 0.21 18.39 -2.89
CA ASP A 147 -0.11 17.41 -3.92
C ASP A 147 -0.72 16.15 -3.30
N ILE A 148 -0.11 15.66 -2.22
CA ILE A 148 -0.58 14.45 -1.57
C ILE A 148 -1.98 14.70 -0.99
N ALA A 149 -2.19 15.89 -0.42
CA ALA A 149 -3.47 16.24 0.20
C ALA A 149 -4.59 16.28 -0.85
N ASP A 150 -4.34 16.90 -1.99
CA ASP A 150 -5.35 16.95 -3.05
C ASP A 150 -5.61 15.57 -3.64
N ALA A 151 -4.55 14.76 -3.74
CA ALA A 151 -4.70 13.38 -4.19
C ALA A 151 -5.63 12.59 -3.27
N ILE A 152 -5.48 12.75 -1.96
CA ILE A 152 -6.41 12.12 -1.01
C ILE A 152 -7.85 12.58 -1.33
N THR A 153 -8.04 13.90 -1.45
CA THR A 153 -9.36 14.43 -1.75
C THR A 153 -9.93 13.80 -3.00
N TRP A 154 -9.17 13.87 -4.10
CA TRP A 154 -9.67 13.41 -5.38
C TRP A 154 -9.90 11.91 -5.35
N ALA A 155 -8.94 11.17 -4.79
CA ALA A 155 -9.04 9.71 -4.81
C ALA A 155 -10.33 9.23 -4.16
N SER A 156 -10.75 9.93 -3.10
CA SER A 156 -11.92 9.54 -2.31
C SER A 156 -13.22 10.17 -2.83
N GLY A 157 -13.18 10.81 -3.99
CA GLY A 157 -14.39 11.33 -4.61
C GLY A 157 -14.67 12.79 -4.27
N GLY A 158 -13.70 13.49 -3.66
CA GLY A 158 -13.82 14.91 -3.41
C GLY A 158 -13.40 15.74 -4.63
N THR A 159 -13.79 17.02 -4.64
CA THR A 159 -13.49 17.93 -5.73
C THR A 159 -12.13 18.56 -5.49
N VAL A 160 -11.30 18.64 -6.53
CA VAL A 160 -10.07 19.41 -6.48
C VAL A 160 -10.08 20.39 -7.65
N ALA A 161 -9.72 21.66 -7.36
CA ALA A 161 -9.72 22.71 -8.37
C ALA A 161 -8.63 22.41 -9.38
N GLY A 162 -9.02 22.27 -10.66
CA GLY A 162 -8.04 22.03 -11.71
C GLY A 162 -8.03 20.58 -12.20
N VAL A 163 -8.75 19.69 -11.52
CA VAL A 163 -8.76 18.28 -11.89
C VAL A 163 -10.19 17.87 -12.19
N PRO A 164 -10.45 17.11 -13.28
CA PRO A 164 -11.80 16.63 -13.57
C PRO A 164 -12.28 15.69 -12.46
N ALA A 165 -13.60 15.66 -12.26
CA ALA A 165 -14.20 14.83 -11.21
C ALA A 165 -13.74 13.38 -11.37
N ASN A 166 -13.50 12.73 -10.23
CA ASN A 166 -13.07 11.34 -10.21
C ASN A 166 -14.28 10.45 -10.47
N ALA A 167 -14.31 9.80 -11.63
CA ALA A 167 -15.38 8.88 -11.97
C ALA A 167 -15.30 7.58 -11.18
N ASN A 168 -14.18 7.35 -10.47
CA ASN A 168 -13.97 6.09 -9.79
C ASN A 168 -13.56 6.33 -8.34
N PRO A 169 -14.43 6.93 -7.50
CA PRO A 169 -14.06 7.21 -6.11
C PRO A 169 -13.71 5.87 -5.47
N ALA A 170 -12.67 5.89 -4.63
CA ALA A 170 -12.09 4.68 -4.08
C ALA A 170 -12.67 4.39 -2.69
N GLU A 171 -13.02 3.12 -2.43
CA GLU A 171 -13.41 2.70 -1.09
C GLU A 171 -12.22 2.72 -0.11
N VAL A 172 -11.00 2.56 -0.63
CA VAL A 172 -9.80 2.46 0.18
C VAL A 172 -8.68 3.26 -0.46
N ILE A 173 -7.96 4.00 0.38
CA ILE A 173 -6.70 4.65 0.03
C ILE A 173 -5.56 3.95 0.75
N ASN A 174 -4.45 3.72 0.01
CA ASN A 174 -3.20 3.24 0.57
C ASN A 174 -2.14 4.31 0.40
N MET A 175 -1.55 4.72 1.52
CA MET A 175 -0.40 5.61 1.52
C MET A 175 0.83 4.90 2.09
N SER A 176 1.64 4.34 1.18
CA SER A 176 2.94 3.78 1.55
C SER A 176 4.01 4.88 1.43
N LEU A 177 3.85 5.91 2.28
CA LEU A 177 4.63 7.13 2.15
C LEU A 177 4.50 7.89 3.47
N GLY A 178 5.50 8.73 3.77
CA GLY A 178 5.42 9.54 4.96
C GLY A 178 6.72 10.27 5.23
N GLY A 179 6.75 10.98 6.36
CA GLY A 179 7.90 11.77 6.75
C GLY A 179 7.76 12.25 8.19
N SER A 180 8.78 12.94 8.67
CA SER A 180 8.83 13.42 10.05
C SER A 180 7.79 14.51 10.26
N GLY A 181 7.24 14.58 11.48
CA GLY A 181 6.34 15.65 11.89
C GLY A 181 4.98 15.10 12.30
N SER A 182 4.36 15.77 13.28
CA SER A 182 2.98 15.47 13.66
C SER A 182 2.07 15.79 12.48
N CYS A 183 0.93 15.10 12.42
CA CYS A 183 -0.07 15.35 11.40
C CYS A 183 -0.54 16.79 11.55
N ASP A 184 -0.54 17.50 10.42
CA ASP A 184 -0.86 18.90 10.36
C ASP A 184 -2.31 19.01 9.94
N GLY A 185 -2.83 20.24 9.87
CA GLY A 185 -4.16 20.51 9.36
C GLY A 185 -4.34 20.09 7.90
N THR A 186 -3.30 20.27 7.06
CA THR A 186 -3.45 19.97 5.64
C THR A 186 -3.77 18.49 5.47
N TYR A 187 -2.90 17.62 6.02
CA TYR A 187 -3.15 16.18 5.95
C TYR A 187 -4.48 15.85 6.61
N GLN A 188 -4.64 16.27 7.86
CA GLN A 188 -5.79 15.87 8.65
C GLN A 188 -7.10 16.25 7.97
N ASP A 189 -7.17 17.46 7.38
CA ASP A 189 -8.38 17.90 6.70
C ASP A 189 -8.69 17.03 5.48
N ALA A 190 -7.66 16.74 4.66
CA ALA A 190 -7.87 15.91 3.49
C ALA A 190 -8.36 14.52 3.94
N ILE A 191 -7.70 13.98 4.96
CA ILE A 191 -8.06 12.67 5.49
C ILE A 191 -9.49 12.69 6.05
N ASN A 192 -9.84 13.74 6.79
CA ASN A 192 -11.20 13.86 7.34
C ASN A 192 -12.22 13.89 6.21
N GLY A 193 -11.88 14.60 5.11
CA GLY A 193 -12.72 14.58 3.93
C GLY A 193 -12.92 13.19 3.35
N ALA A 194 -11.83 12.42 3.17
CA ALA A 194 -11.97 11.08 2.64
C ALA A 194 -12.88 10.24 3.54
N ILE A 195 -12.66 10.29 4.85
CA ILE A 195 -13.45 9.52 5.82
C ILE A 195 -14.94 9.89 5.72
N SER A 196 -15.23 11.18 5.56
CA SER A 196 -16.60 11.68 5.43
C SER A 196 -17.29 11.12 4.19
N ARG A 197 -16.50 10.73 3.15
CA ARG A 197 -17.06 10.15 1.94
C ARG A 197 -17.08 8.61 1.99
N GLY A 198 -16.69 8.03 3.13
CA GLY A 198 -16.80 6.59 3.27
C GLY A 198 -15.51 5.84 2.96
N THR A 199 -14.42 6.57 2.66
CA THR A 199 -13.14 5.98 2.28
C THR A 199 -12.32 5.63 3.53
N THR A 200 -11.87 4.37 3.64
CA THR A 200 -10.89 3.97 4.64
C THR A 200 -9.48 4.34 4.15
N VAL A 201 -8.71 5.00 5.01
CA VAL A 201 -7.35 5.41 4.70
C VAL A 201 -6.36 4.55 5.49
N VAL A 202 -5.52 3.78 4.77
CA VAL A 202 -4.53 2.88 5.36
C VAL A 202 -3.13 3.41 5.06
N VAL A 203 -2.29 3.57 6.10
CA VAL A 203 -0.96 4.13 5.94
C VAL A 203 0.12 3.26 6.59
N ALA A 204 1.32 3.36 6.01
CA ALA A 204 2.52 2.75 6.55
C ALA A 204 2.96 3.47 7.82
N ALA A 205 3.36 2.72 8.86
CA ALA A 205 3.77 3.34 10.11
C ALA A 205 5.07 4.11 9.98
N GLY A 206 5.96 3.72 9.03
CA GLY A 206 7.32 4.25 9.01
C GLY A 206 8.35 3.20 9.39
N ASN A 207 9.61 3.46 8.99
CA ASN A 207 10.70 2.51 9.08
C ASN A 207 11.92 3.06 9.84
N GLU A 208 11.69 3.90 10.86
CA GLU A 208 12.74 4.56 11.60
C GLU A 208 13.00 3.92 12.97
N THR A 209 12.45 2.72 13.20
CA THR A 209 12.50 2.09 14.51
C THR A 209 12.17 3.13 15.58
N ASP A 210 11.08 3.86 15.37
CA ASP A 210 10.74 5.01 16.21
C ASP A 210 9.24 5.00 16.49
N ASN A 211 8.80 5.89 17.39
CA ASN A 211 7.38 6.05 17.65
C ASN A 211 6.67 6.69 16.46
N ALA A 212 5.61 6.02 15.97
CA ALA A 212 4.82 6.47 14.85
C ALA A 212 4.16 7.82 15.10
N SER A 213 4.06 8.20 16.39
CA SER A 213 3.47 9.49 16.77
C SER A 213 4.23 10.66 16.18
N LYS A 214 5.50 10.43 15.79
CA LYS A 214 6.40 11.50 15.39
C LYS A 214 6.42 11.70 13.87
N TYR A 215 5.49 11.07 13.13
CA TYR A 215 5.57 10.98 11.68
C TYR A 215 4.17 11.17 11.12
N ARG A 216 4.09 11.52 9.83
CA ARG A 216 2.82 11.75 9.17
C ARG A 216 2.85 11.20 7.75
N PRO A 217 1.74 10.63 7.21
CA PRO A 217 0.46 10.55 7.91
C PRO A 217 0.25 9.48 8.98
N ALA A 218 1.33 8.79 9.39
CA ALA A 218 1.20 7.68 10.34
C ALA A 218 0.43 8.10 11.59
N SER A 219 0.69 9.33 12.08
CA SER A 219 0.16 9.82 13.35
C SER A 219 -1.14 10.58 13.19
N CYS A 220 -1.71 10.60 11.98
CA CYS A 220 -2.98 11.27 11.73
C CYS A 220 -4.12 10.54 12.45
N ASP A 221 -5.15 11.31 12.86
CA ASP A 221 -6.40 10.73 13.34
C ASP A 221 -7.18 10.11 12.18
N GLY A 222 -7.90 9.04 12.50
CA GLY A 222 -8.85 8.45 11.57
C GLY A 222 -8.27 7.43 10.59
N VAL A 223 -6.95 7.22 10.61
CA VAL A 223 -6.31 6.33 9.64
C VAL A 223 -5.99 4.97 10.29
N VAL A 224 -5.77 3.97 9.43
CA VAL A 224 -5.27 2.68 9.88
C VAL A 224 -3.75 2.70 9.72
N THR A 225 -3.00 2.74 10.82
CA THR A 225 -1.55 2.82 10.81
C THR A 225 -0.99 1.40 10.96
N VAL A 226 -0.12 1.00 10.02
CA VAL A 226 0.24 -0.39 9.83
C VAL A 226 1.74 -0.57 10.05
N GLY A 227 2.08 -1.33 11.09
CA GLY A 227 3.43 -1.79 11.33
C GLY A 227 3.78 -2.99 10.44
N ALA A 228 5.03 -3.44 10.56
CA ALA A 228 5.59 -4.47 9.69
C ALA A 228 6.10 -5.65 10.51
N THR A 229 5.71 -6.86 10.09
CA THR A 229 6.21 -8.09 10.66
C THR A 229 7.06 -8.86 9.65
N ARG A 230 7.81 -9.81 10.20
CA ARG A 230 8.65 -10.72 9.45
C ARG A 230 7.89 -11.99 9.09
N ILE A 231 8.58 -12.84 8.32
CA ILE A 231 8.11 -14.19 8.03
C ILE A 231 7.86 -14.94 9.33
N THR A 232 8.61 -14.61 10.41
CA THR A 232 8.51 -15.29 11.69
C THR A 232 7.25 -14.85 12.46
N GLY A 233 6.66 -13.72 12.08
CA GLY A 233 5.50 -13.18 12.75
C GLY A 233 5.87 -12.15 13.81
N GLY A 234 7.18 -11.87 13.97
CA GLY A 234 7.68 -10.86 14.88
C GLY A 234 7.94 -9.51 14.21
N ILE A 235 8.28 -8.51 15.03
CA ILE A 235 8.53 -7.16 14.56
C ILE A 235 9.80 -7.10 13.70
N THR A 236 9.76 -6.31 12.63
CA THR A 236 10.93 -6.12 11.79
C THR A 236 11.88 -5.18 12.53
N TYR A 237 13.14 -5.14 12.08
CA TYR A 237 14.14 -4.32 12.76
C TYR A 237 13.82 -2.82 12.58
N TYR A 238 13.09 -2.47 11.51
CA TYR A 238 12.87 -1.08 11.09
C TYR A 238 11.50 -0.56 11.51
N SER A 239 10.53 -1.45 11.78
CA SER A 239 9.15 -1.00 11.99
C SER A 239 9.10 0.09 13.07
N ASN A 240 8.35 1.15 12.76
CA ASN A 240 7.88 2.07 13.80
C ASN A 240 6.81 1.35 14.63
N TYR A 241 6.55 1.94 15.80
CA TYR A 241 5.80 1.30 16.86
C TYR A 241 5.04 2.39 17.61
N GLY A 242 4.27 1.98 18.61
CA GLY A 242 3.63 2.90 19.53
C GLY A 242 2.11 2.73 19.52
N SER A 243 1.43 3.49 20.38
CA SER A 243 0.00 3.28 20.62
C SER A 243 -0.80 3.59 19.36
N ARG A 244 -0.25 4.45 18.48
CA ARG A 244 -0.93 4.80 17.24
C ARG A 244 -0.97 3.63 16.25
N VAL A 245 -0.04 2.65 16.35
CA VAL A 245 -0.03 1.57 15.39
C VAL A 245 -1.22 0.66 15.70
N ASP A 246 -2.02 0.35 14.68
CA ASP A 246 -3.29 -0.33 14.87
C ASP A 246 -3.16 -1.84 14.76
N LEU A 247 -2.38 -2.28 13.76
CA LEU A 247 -2.12 -3.68 13.49
C LEU A 247 -0.93 -3.75 12.54
N SER A 248 -0.48 -4.96 12.22
CA SER A 248 0.66 -5.09 11.33
C SER A 248 0.26 -5.88 10.09
N GLY A 249 1.07 -5.73 9.04
CA GLY A 249 1.06 -6.67 7.95
C GLY A 249 2.48 -7.16 7.66
N PRO A 250 2.66 -8.19 6.83
CA PRO A 250 4.00 -8.63 6.43
C PRO A 250 4.71 -7.51 5.67
N GLY A 251 5.83 -7.01 6.23
CA GLY A 251 6.66 -6.05 5.51
C GLY A 251 8.01 -6.61 5.09
N GLY A 252 8.45 -7.69 5.74
CA GLY A 252 9.70 -8.36 5.40
C GLY A 252 10.83 -7.92 6.33
N GLY A 253 11.53 -8.89 6.93
CA GLY A 253 12.56 -8.57 7.91
C GLY A 253 13.92 -8.13 7.33
N GLY A 254 14.06 -8.16 6.00
CA GLY A 254 15.33 -7.85 5.37
C GLY A 254 16.32 -9.03 5.45
N SER A 255 17.61 -8.72 5.48
CA SER A 255 18.67 -9.70 5.21
C SER A 255 18.74 -10.80 6.28
N VAL A 256 18.31 -10.51 7.51
CA VAL A 256 18.34 -11.52 8.55
C VAL A 256 17.46 -12.72 8.15
N ASP A 257 16.43 -12.51 7.32
CA ASP A 257 15.51 -13.58 6.96
C ASP A 257 15.84 -14.19 5.59
N GLY A 258 16.84 -13.66 4.88
CA GLY A 258 17.30 -14.23 3.63
C GLY A 258 16.36 -13.98 2.45
N ASN A 259 16.66 -14.66 1.35
CA ASN A 259 15.89 -14.55 0.12
C ASN A 259 15.27 -15.92 -0.09
N PRO A 260 13.93 -16.06 -0.22
CA PRO A 260 12.98 -14.93 -0.32
C PRO A 260 12.33 -14.36 0.93
N GLY A 261 12.66 -14.94 2.09
CA GLY A 261 11.89 -14.79 3.31
C GLY A 261 11.91 -13.38 3.90
N GLY A 262 12.90 -12.57 3.51
CA GLY A 262 13.10 -11.25 4.07
C GLY A 262 12.33 -10.15 3.34
N TYR A 263 11.62 -10.49 2.24
CA TYR A 263 11.11 -9.51 1.29
C TYR A 263 9.71 -9.86 0.83
N VAL A 264 8.98 -8.82 0.41
CA VAL A 264 7.69 -9.00 -0.23
C VAL A 264 7.87 -8.87 -1.73
N TRP A 265 7.21 -9.75 -2.50
CA TRP A 265 7.50 -9.95 -3.90
C TRP A 265 6.29 -9.61 -4.76
N GLN A 266 6.52 -8.73 -5.76
CA GLN A 266 5.46 -8.24 -6.61
C GLN A 266 6.06 -7.72 -7.91
N SER A 267 5.16 -7.38 -8.83
CA SER A 267 5.47 -6.70 -10.08
C SER A 267 6.40 -5.51 -9.85
N GLY A 268 7.36 -5.35 -10.78
CA GLY A 268 8.17 -4.16 -10.83
C GLY A 268 9.03 -4.16 -12.10
N SER A 269 10.22 -3.55 -12.00
CA SER A 269 11.10 -3.39 -13.14
C SER A 269 12.54 -3.43 -12.66
N ASP A 270 13.49 -3.77 -13.55
CA ASP A 270 14.88 -3.70 -13.19
C ASP A 270 15.50 -2.39 -13.70
N ALA A 271 14.69 -1.54 -14.32
CA ALA A 271 15.18 -0.28 -14.86
C ALA A 271 15.79 0.60 -13.77
N ALA A 272 16.95 1.21 -14.07
CA ALA A 272 17.72 1.96 -13.09
C ALA A 272 17.34 3.44 -13.13
N THR A 273 16.90 3.95 -14.29
CA THR A 273 16.45 5.32 -14.45
C THR A 273 15.04 5.37 -15.05
N THR A 274 14.93 5.62 -16.36
CA THR A 274 13.67 5.73 -17.09
C THR A 274 13.06 4.33 -17.18
N PRO A 275 11.75 4.18 -17.44
CA PRO A 275 11.16 2.85 -17.67
C PRO A 275 11.88 2.10 -18.79
N GLU A 276 12.27 2.86 -19.83
CA GLU A 276 12.87 2.29 -21.02
C GLU A 276 14.25 1.71 -20.73
N SER A 277 14.89 2.10 -19.62
CA SER A 277 16.25 1.69 -19.32
C SER A 277 16.31 0.25 -18.78
N GLY A 278 15.14 -0.35 -18.49
CA GLY A 278 15.07 -1.75 -18.09
C GLY A 278 13.85 -2.45 -18.67
N SER A 279 13.40 -3.52 -18.01
CA SER A 279 12.23 -4.26 -18.46
C SER A 279 11.41 -4.72 -17.26
N TYR A 280 10.20 -5.22 -17.53
CA TYR A 280 9.30 -5.71 -16.50
C TYR A 280 9.90 -6.92 -15.80
N SER A 281 9.67 -6.98 -14.49
CA SER A 281 10.26 -8.00 -13.64
C SER A 281 9.35 -8.25 -12.43
N TYR A 282 9.88 -9.02 -11.47
CA TYR A 282 9.32 -9.16 -10.11
C TYR A 282 10.42 -8.81 -9.11
N MET A 283 10.07 -7.97 -8.13
CA MET A 283 11.04 -7.34 -7.24
C MET A 283 10.69 -7.69 -5.81
N GLY A 284 11.73 -7.83 -4.99
CA GLY A 284 11.56 -8.09 -3.58
C GLY A 284 11.92 -6.84 -2.79
N MET A 285 10.95 -6.34 -2.02
CA MET A 285 11.15 -5.10 -1.29
C MET A 285 10.69 -5.33 0.15
N GLY A 286 11.30 -4.61 1.09
CA GLY A 286 10.89 -4.65 2.48
C GLY A 286 10.48 -3.26 2.97
N GLY A 287 9.47 -3.20 3.84
CA GLY A 287 9.13 -1.96 4.52
C GLY A 287 7.71 -1.99 5.07
N THR A 288 7.41 -1.02 5.93
CA THR A 288 6.00 -0.76 6.26
C THR A 288 5.23 -0.42 4.98
N SER A 289 5.93 0.07 3.93
CA SER A 289 5.33 0.29 2.61
C SER A 289 4.66 -0.98 2.03
N MET A 290 5.24 -2.16 2.32
CA MET A 290 4.75 -3.43 1.81
C MET A 290 3.64 -4.00 2.72
N ALA A 291 3.66 -3.63 4.00
CA ALA A 291 2.71 -4.12 4.99
C ALA A 291 1.35 -3.45 4.77
N SER A 292 1.38 -2.13 4.62
CA SER A 292 0.21 -1.29 4.43
C SER A 292 -0.70 -1.81 3.32
N PRO A 293 -0.25 -2.05 2.08
CA PRO A 293 -1.15 -2.61 1.07
C PRO A 293 -1.75 -3.99 1.29
N HIS A 294 -1.14 -4.84 2.14
CA HIS A 294 -1.82 -6.06 2.53
C HIS A 294 -3.11 -5.73 3.31
N VAL A 295 -3.03 -4.75 4.18
CA VAL A 295 -4.18 -4.33 4.99
C VAL A 295 -5.20 -3.58 4.14
N ALA A 296 -4.74 -2.70 3.24
CA ALA A 296 -5.65 -2.01 2.33
C ALA A 296 -6.39 -3.01 1.46
N ALA A 297 -5.69 -4.03 0.98
CA ALA A 297 -6.33 -5.02 0.12
C ALA A 297 -7.37 -5.84 0.91
N VAL A 298 -7.05 -6.19 2.15
CA VAL A 298 -7.99 -6.94 2.98
C VAL A 298 -9.28 -6.12 3.17
N ALA A 299 -9.15 -4.82 3.44
CA ALA A 299 -10.31 -3.93 3.48
C ALA A 299 -11.15 -4.05 2.21
N ALA A 300 -10.47 -4.09 1.05
CA ALA A 300 -11.16 -4.22 -0.23
C ALA A 300 -11.89 -5.55 -0.36
N LEU A 301 -11.25 -6.65 0.07
CA LEU A 301 -11.88 -7.96 0.10
C LEU A 301 -13.19 -7.87 0.90
N VAL A 302 -13.15 -7.16 2.02
CA VAL A 302 -14.30 -7.09 2.94
C VAL A 302 -15.42 -6.31 2.27
N GLN A 303 -15.11 -5.11 1.77
CA GLN A 303 -16.13 -4.25 1.15
C GLN A 303 -16.82 -4.97 0.00
N SER A 304 -16.02 -5.68 -0.81
CA SER A 304 -16.45 -6.48 -1.93
C SER A 304 -17.40 -7.61 -1.54
N ALA A 305 -17.03 -8.39 -0.51
CA ALA A 305 -17.82 -9.52 -0.07
C ALA A 305 -19.21 -9.05 0.37
N LEU A 306 -19.26 -7.93 1.10
CA LEU A 306 -20.49 -7.37 1.60
C LEU A 306 -21.39 -6.97 0.44
N ILE A 307 -20.84 -6.20 -0.51
CA ILE A 307 -21.58 -5.79 -1.69
C ILE A 307 -22.15 -7.02 -2.39
N ALA A 308 -21.32 -8.07 -2.55
CA ALA A 308 -21.76 -9.32 -3.15
C ALA A 308 -22.93 -9.97 -2.39
N SER A 309 -23.02 -9.75 -1.07
CA SER A 309 -24.14 -10.29 -0.29
C SER A 309 -25.27 -9.28 -0.19
N GLY A 310 -25.23 -8.21 -0.99
CA GLY A 310 -26.15 -7.10 -0.88
C GLY A 310 -26.18 -6.47 0.51
N LYS A 311 -25.10 -6.61 1.31
CA LYS A 311 -24.99 -5.92 2.58
C LYS A 311 -24.36 -4.54 2.36
N ASP A 312 -24.50 -3.67 3.38
CA ASP A 312 -23.91 -2.35 3.39
C ASP A 312 -22.39 -2.41 3.55
N PRO A 313 -21.59 -1.57 2.84
CA PRO A 313 -20.16 -1.47 3.09
C PRO A 313 -19.93 -0.88 4.47
N LEU A 314 -18.79 -1.23 5.08
CA LEU A 314 -18.47 -0.73 6.40
C LEU A 314 -18.05 0.72 6.29
N ALA A 315 -18.47 1.54 7.26
CA ALA A 315 -17.89 2.87 7.42
C ALA A 315 -16.44 2.73 7.85
N PRO A 316 -15.60 3.76 7.61
CA PRO A 316 -14.19 3.72 8.02
C PRO A 316 -13.91 3.26 9.46
N ALA A 317 -14.61 3.82 10.45
CA ALA A 317 -14.36 3.46 11.84
C ALA A 317 -14.61 1.97 12.05
N ALA A 318 -15.69 1.46 11.44
CA ALA A 318 -16.05 0.05 11.56
C ALA A 318 -15.00 -0.83 10.87
N MET A 319 -14.50 -0.37 9.72
CA MET A 319 -13.47 -1.14 9.03
C MET A 319 -12.24 -1.30 9.91
N ARG A 320 -11.78 -0.21 10.51
CA ARG A 320 -10.58 -0.23 11.31
C ARG A 320 -10.76 -1.13 12.54
N THR A 321 -11.93 -1.01 13.18
CA THR A 321 -12.30 -1.89 14.29
C THR A 321 -12.27 -3.34 13.85
N LEU A 322 -12.85 -3.66 12.69
CA LEU A 322 -12.92 -5.03 12.23
C LEU A 322 -11.50 -5.56 11.96
N LEU A 323 -10.67 -4.78 11.28
CA LEU A 323 -9.30 -5.21 10.97
C LEU A 323 -8.51 -5.51 12.24
N LYS A 324 -8.64 -4.67 13.27
CA LYS A 324 -7.91 -4.84 14.52
C LYS A 324 -8.42 -6.04 15.32
N GLU A 325 -9.75 -6.15 15.41
CA GLU A 325 -10.38 -7.19 16.23
C GLU A 325 -10.12 -8.57 15.63
N THR A 326 -9.94 -8.66 14.30
CA THR A 326 -9.79 -9.95 13.66
C THR A 326 -8.34 -10.29 13.35
N ALA A 327 -7.38 -9.42 13.71
CA ALA A 327 -5.97 -9.70 13.44
C ALA A 327 -5.49 -10.93 14.22
N ARG A 328 -4.54 -11.66 13.62
CA ARG A 328 -3.96 -12.84 14.26
CA ARG A 328 -3.89 -12.82 14.21
C ARG A 328 -2.92 -12.37 15.28
N PRO A 329 -3.10 -12.72 16.57
CA PRO A 329 -2.13 -12.33 17.59
C PRO A 329 -0.76 -12.85 17.14
N PHE A 330 0.28 -12.08 17.47
CA PHE A 330 1.62 -12.37 16.97
C PHE A 330 2.10 -13.71 17.53
N PRO A 331 2.69 -14.57 16.67
CA PRO A 331 3.23 -15.88 17.11
C PRO A 331 4.58 -15.80 17.81
N VAL A 332 5.10 -14.58 17.84
CA VAL A 332 6.33 -14.21 18.53
C VAL A 332 5.96 -13.03 19.40
N SER A 333 6.55 -12.96 20.61
CA SER A 333 6.29 -11.91 21.56
C SER A 333 6.78 -10.57 21.00
N ILE A 334 5.95 -9.52 21.12
CA ILE A 334 6.35 -8.17 20.79
C ILE A 334 6.74 -7.48 22.09
N PRO A 335 7.94 -6.88 22.19
CA PRO A 335 8.30 -6.13 23.40
C PRO A 335 7.32 -5.02 23.72
N THR A 336 7.09 -4.82 25.02
CA THR A 336 6.05 -3.94 25.52
C THR A 336 6.26 -2.51 25.00
N ALA A 337 7.52 -2.12 24.91
CA ALA A 337 7.91 -0.78 24.53
C ALA A 337 7.90 -0.58 23.01
N THR A 338 7.61 -1.61 22.21
CA THR A 338 7.49 -1.45 20.77
C THR A 338 6.24 -2.13 20.27
N PRO A 339 5.03 -1.69 20.71
CA PRO A 339 3.78 -2.25 20.24
C PRO A 339 3.54 -1.97 18.76
N ILE A 340 2.99 -2.95 18.06
CA ILE A 340 2.66 -2.80 16.65
C ILE A 340 1.24 -3.29 16.41
N GLY A 341 0.35 -2.92 17.34
CA GLY A 341 -1.07 -3.17 17.16
C GLY A 341 -1.51 -4.54 17.69
N THR A 342 -2.67 -4.99 17.21
CA THR A 342 -3.37 -6.10 17.84
C THR A 342 -2.91 -7.42 17.27
N GLY A 343 -2.30 -7.41 16.09
CA GLY A 343 -1.87 -8.66 15.47
C GLY A 343 -1.52 -8.43 14.01
N ILE A 344 -1.42 -9.54 13.29
CA ILE A 344 -1.20 -9.51 11.85
C ILE A 344 -2.54 -9.65 11.16
N VAL A 345 -2.80 -8.74 10.21
CA VAL A 345 -4.04 -8.75 9.46
C VAL A 345 -4.28 -10.18 8.98
N ASP A 346 -5.54 -10.58 9.10
CA ASP A 346 -5.97 -11.92 8.78
C ASP A 346 -7.19 -11.77 7.87
N ALA A 347 -6.95 -12.05 6.59
CA ALA A 347 -7.89 -11.78 5.53
C ALA A 347 -9.15 -12.64 5.72
N LYS A 348 -8.97 -13.91 6.08
CA LYS A 348 -10.06 -14.83 6.29
C LYS A 348 -10.90 -14.44 7.51
N ALA A 349 -10.24 -14.17 8.66
CA ALA A 349 -10.93 -13.79 9.87
C ALA A 349 -11.74 -12.50 9.68
N ALA A 350 -11.18 -11.52 8.97
CA ALA A 350 -11.87 -10.26 8.68
C ALA A 350 -13.15 -10.53 7.90
N LEU A 351 -13.06 -11.35 6.85
CA LEU A 351 -14.20 -11.69 6.02
C LEU A 351 -15.29 -12.42 6.83
N ALA A 352 -14.87 -13.43 7.60
CA ALA A 352 -15.78 -14.21 8.43
C ALA A 352 -16.56 -13.33 9.41
N GLU A 353 -15.89 -12.35 10.04
CA GLU A 353 -16.54 -11.50 11.03
C GLU A 353 -17.47 -10.48 10.35
N ALA A 354 -17.08 -9.96 9.18
CA ALA A 354 -17.92 -9.01 8.44
C ALA A 354 -19.17 -9.68 7.90
N LEU A 355 -19.08 -10.95 7.53
CA LEU A 355 -20.22 -11.65 6.95
C LEU A 355 -21.06 -12.38 8.02
N GLU A 356 -20.87 -11.98 9.29
N GLU A 356 -20.73 -12.24 9.31
CA GLU A 356 -21.58 -12.49 10.45
CA GLU A 356 -21.52 -12.93 10.31
C GLU A 356 -20.76 -13.66 11.03
C GLU A 356 -22.89 -12.21 10.42
N1 BO2 B . 9.23 10.76 1.74
C2 BO2 B . 9.37 9.85 0.77
C3 BO2 B . 10.33 9.98 -0.21
N4 BO2 B . 11.16 11.03 -0.25
C5 BO2 B . 11.00 11.94 0.71
C6 BO2 B . 10.07 11.80 1.70
C7 BO2 B . 8.45 8.65 0.79
O8 BO2 B . 7.52 8.61 1.57
N9 BO2 B . 8.77 7.67 -0.06
C10 BO2 B . 8.08 6.38 -0.05
C11 BO2 B . 8.27 5.59 -1.37
C12 BO2 B . 9.69 5.36 -1.82
C13 BO2 B . 10.27 6.16 -2.83
C14 BO2 B . 11.56 5.94 -3.24
C15 BO2 B . 12.33 4.97 -2.67
C16 BO2 B . 11.79 4.19 -1.66
C17 BO2 B . 10.48 4.39 -1.23
C18 BO2 B . 8.61 5.62 1.16
O19 BO2 B . 9.73 5.78 1.67
N20 BO2 B . 7.75 4.74 1.67
C21 BO2 B . 8.09 3.85 2.78
C22 BO2 B . 7.10 4.08 3.94
C23 BO2 B . 7.07 5.46 4.55
C24 BO2 B . 8.32 5.84 5.31
C25 BO2 B . 5.86 5.65 5.44
B26 BO2 B . 8.37 2.33 2.50
O27 BO2 B . 9.03 2.05 1.33
O28 BO2 B . 8.35 1.35 3.45
C1 GOL C . 8.68 6.42 22.26
O1 GOL C . 7.93 5.27 22.64
C2 GOL C . 10.17 6.22 22.48
O2 GOL C . 10.57 4.99 21.90
C3 GOL C . 11.00 7.33 21.90
O3 GOL C . 12.28 6.86 21.51
C1 GOL D . 17.04 15.26 -13.91
O1 GOL D . 17.19 14.92 -12.54
C2 GOL D . 17.89 14.36 -14.79
O2 GOL D . 18.82 13.67 -13.95
C3 GOL D . 17.09 13.36 -15.62
O3 GOL D . 15.68 13.61 -15.60
C1 GOL E . 13.18 -0.83 5.52
O1 GOL E . 12.58 0.38 5.05
C2 GOL E . 13.87 -1.54 4.39
O2 GOL E . 15.11 -0.88 4.15
C3 GOL E . 14.09 -3.02 4.64
O3 GOL E . 14.58 -3.69 3.50
C1 GOL F . 4.40 16.99 -19.90
O1 GOL F . 3.61 16.99 -18.70
C2 GOL F . 4.71 15.61 -20.47
O2 GOL F . 4.51 15.62 -21.88
C3 GOL F . 6.13 15.12 -20.22
O3 GOL F . 6.42 13.99 -21.03
S SO4 G . -7.92 8.14 16.22
O1 SO4 G . -8.64 9.22 15.62
O2 SO4 G . -7.29 8.59 17.44
O3 SO4 G . -8.84 7.08 16.53
O4 SO4 G . -6.94 7.66 15.30
S SO4 H . 17.90 -5.08 4.53
O1 SO4 H . 19.00 -4.21 4.24
O2 SO4 H . 18.26 -6.02 5.55
O3 SO4 H . 16.77 -4.30 5.00
O4 SO4 H . 17.53 -5.78 3.32
S SO4 I . -10.44 1.15 17.20
O1 SO4 I . -10.31 1.15 15.75
O2 SO4 I . -9.24 0.59 17.80
O3 SO4 I . -10.61 2.50 17.71
O4 SO4 I . -11.60 0.34 17.56
CA CA J . 0.14 -13.28 -11.79
#